data_5M25
#
_entry.id   5M25
#
_cell.length_a   80.714
_cell.length_b   85.917
_cell.length_c   39.276
_cell.angle_alpha   90.00
_cell.angle_beta   90.00
_cell.angle_gamma   90.00
#
_symmetry.space_group_name_H-M   'P 21 21 2'
#
loop_
_entity.id
_entity.type
_entity.pdbx_description
1 polymer 'WD repeat-containing protein 5'
2 non-polymer (2~{S})-2-[[(2~{S})-2-[[(2~{S})-2-azanyl-3-oxidanyl-propanoyl]amino]propanoyl]amino]-5-carbamimidamido-~{N}-[(2~{S})-1-[[4-[(~{E})-[4-(hydroxymethyl)phenyl]diazenyl]phenyl]methylamino]-1-oxidanylidene-propan-2-yl]pentanamide
3 water water
#
_entity_poly.entity_id   1
_entity_poly.type   'polypeptide(L)'
_entity_poly.pdbx_seq_one_letter_code
;MGSSHHHHHHSSGLVPRGSHMASMSDSEVNQEAKPEVKPEVKPETHINLKVSDGSSEIFFKIKKTTPLRRLMEAFAKRQG
KEMDSLRFLYDGIRIQADQTPEDLDMEDNDIIEAHREQIGGSATQSKPTPVKPNYALKFTLAGHTKAVSSVKFSPNGEWL
ASSSADKLIKIWGAYDGKFEKTISGHKLGISDVAWSSDSNLLVSASDDKTLKIWDVSSGKCLKTLKGHSNYVFCCNFNPQ
SNLIVSGSFDESVRIWDVKTGKCLKTLPAHSDPVSAVHFNRDGSLIVSSSYDGLCRIWDTASGQCLKTLIDDDNPPVSFV
KFSPNGKYILAATLDNTLKLWDYSKGKCLKTYTGHKNEKYCIFANFSVTGGKWIVSGSEDNLVYIWNLQTKEIVQKLQGH
TDVVISTACHPTENIIASAALENDKTIKLWKSDC
;
_entity_poly.pdbx_strand_id   A
#
# COMPACT_ATOMS: atom_id res chain seq x y z
N PRO A 133 13.10 -11.52 15.76
CA PRO A 133 12.22 -12.38 14.93
C PRO A 133 13.01 -13.21 13.92
N ASN A 134 12.35 -14.20 13.34
CA ASN A 134 13.04 -15.13 12.46
C ASN A 134 12.23 -15.48 11.22
N TYR A 135 11.88 -14.47 10.44
CA TYR A 135 11.26 -14.72 9.15
C TYR A 135 12.18 -15.56 8.26
N ALA A 136 11.66 -16.67 7.77
CA ALA A 136 12.38 -17.51 6.83
C ALA A 136 11.52 -17.72 5.59
N LEU A 137 12.16 -17.83 4.43
CA LEU A 137 11.43 -18.05 3.19
C LEU A 137 10.66 -19.36 3.26
N LYS A 138 9.35 -19.29 3.05
CA LYS A 138 8.59 -20.52 2.95
C LYS A 138 8.08 -20.73 1.53
N PHE A 139 7.58 -19.70 0.86
CA PHE A 139 7.05 -19.87 -0.49
C PHE A 139 7.53 -18.85 -1.52
N THR A 140 7.78 -19.31 -2.74
CA THR A 140 8.01 -18.40 -3.84
C THR A 140 6.86 -18.53 -4.86
N LEU A 141 6.26 -17.41 -5.19
CA LEU A 141 5.06 -17.43 -6.03
C LEU A 141 5.38 -16.89 -7.40
N ALA A 142 5.29 -17.75 -8.40
CA ALA A 142 5.60 -17.34 -9.77
C ALA A 142 4.35 -17.34 -10.64
N GLY A 143 4.24 -16.34 -11.52
CA GLY A 143 3.14 -16.28 -12.47
C GLY A 143 3.02 -14.98 -13.24
N HIS A 144 3.32 -13.87 -12.59
CA HIS A 144 3.28 -12.60 -13.28
C HIS A 144 4.40 -12.53 -14.31
N THR A 145 4.04 -12.12 -15.53
CA THR A 145 4.97 -12.06 -16.63
C THR A 145 5.66 -10.71 -16.67
N LYS A 146 5.32 -9.86 -15.71
CA LYS A 146 5.94 -8.53 -15.57
C LYS A 146 6.09 -8.19 -14.09
N ALA A 147 6.49 -6.95 -13.81
CA ALA A 147 6.75 -6.51 -12.43
C ALA A 147 5.51 -6.54 -11.58
N VAL A 148 5.66 -7.04 -10.36
CA VAL A 148 4.60 -6.95 -9.38
C VAL A 148 4.68 -5.61 -8.70
N SER A 149 3.54 -4.91 -8.62
CA SER A 149 3.56 -3.56 -8.11
C SER A 149 3.17 -3.55 -6.66
N SER A 150 2.33 -4.51 -6.26
CA SER A 150 1.68 -4.44 -4.96
C SER A 150 1.10 -5.79 -4.49
N VAL A 151 1.31 -6.12 -3.23
CA VAL A 151 0.67 -7.30 -2.64
C VAL A 151 -0.10 -6.93 -1.38
N LYS A 152 -1.24 -7.58 -1.15
CA LYS A 152 -2.12 -7.31 -0.01
C LYS A 152 -2.80 -8.58 0.53
N PHE A 153 -2.69 -8.80 1.83
CA PHE A 153 -3.46 -9.86 2.46
C PHE A 153 -4.93 -9.45 2.63
N SER A 154 -5.84 -10.36 2.35
CA SER A 154 -7.23 -10.17 2.68
C SER A 154 -7.39 -10.08 4.20
N PRO A 155 -8.35 -9.29 4.68
CA PRO A 155 -8.46 -9.12 6.13
C PRO A 155 -8.81 -10.41 6.85
N ASN A 156 -9.59 -11.29 6.21
CA ASN A 156 -9.88 -12.57 6.85
C ASN A 156 -8.66 -13.50 6.91
N GLY A 157 -7.56 -13.06 6.30
CA GLY A 157 -6.27 -13.72 6.40
C GLY A 157 -6.06 -14.91 5.49
N GLU A 158 -7.04 -15.20 4.63
CA GLU A 158 -6.99 -16.41 3.82
C GLU A 158 -6.33 -16.21 2.48
N TRP A 159 -6.15 -14.97 2.07
CA TRP A 159 -5.71 -14.75 0.71
C TRP A 159 -4.69 -13.67 0.56
N LEU A 160 -3.97 -13.76 -0.55
CA LEU A 160 -3.09 -12.72 -0.99
C LEU A 160 -3.54 -12.31 -2.37
N ALA A 161 -3.56 -11.01 -2.61
CA ALA A 161 -3.85 -10.49 -3.93
C ALA A 161 -2.63 -9.74 -4.42
N SER A 162 -2.33 -9.88 -5.71
CA SER A 162 -1.16 -9.22 -6.27
C SER A 162 -1.52 -8.48 -7.53
N SER A 163 -0.92 -7.31 -7.70
CA SER A 163 -1.14 -6.48 -8.85
C SER A 163 0.16 -6.39 -9.63
N SER A 164 0.04 -6.22 -10.94
CA SER A 164 1.22 -6.20 -11.76
C SER A 164 1.12 -5.27 -12.93
N ALA A 165 2.30 -4.95 -13.47
CA ALA A 165 2.42 -4.23 -14.71
C ALA A 165 1.88 -5.06 -15.88
N ASP A 166 1.72 -6.37 -15.67
CA ASP A 166 1.17 -7.22 -16.74
C ASP A 166 -0.36 -7.11 -16.83
N LYS A 167 -0.91 -6.00 -16.32
CA LYS A 167 -2.34 -5.68 -16.37
C LYS A 167 -3.24 -6.69 -15.62
N LEU A 168 -2.65 -7.56 -14.82
CA LEU A 168 -3.45 -8.60 -14.17
C LEU A 168 -3.41 -8.51 -12.65
N ILE A 169 -4.48 -9.02 -12.03
CA ILE A 169 -4.53 -9.28 -10.60
C ILE A 169 -4.48 -10.79 -10.34
N LYS A 170 -3.57 -11.23 -9.49
CA LYS A 170 -3.60 -12.63 -9.09
C LYS A 170 -3.90 -12.79 -7.62
N ILE A 171 -4.65 -13.84 -7.32
CA ILE A 171 -5.07 -14.18 -5.97
C ILE A 171 -4.37 -15.47 -5.56
N TRP A 172 -3.83 -15.51 -4.35
CA TRP A 172 -3.09 -16.68 -3.92
C TRP A 172 -3.51 -17.10 -2.53
N GLY A 173 -3.35 -18.38 -2.19
CA GLY A 173 -3.56 -18.85 -0.84
C GLY A 173 -2.51 -18.28 0.11
N ALA A 174 -2.97 -17.65 1.19
CA ALA A 174 -2.08 -16.91 2.10
C ALA A 174 -1.18 -17.85 2.89
N TYR A 175 -1.63 -19.09 3.06
CA TYR A 175 -0.94 -20.04 3.92
C TYR A 175 -0.08 -21.00 3.15
N ASP A 176 -0.49 -21.32 1.93
CA ASP A 176 0.24 -22.31 1.14
C ASP A 176 0.89 -21.75 -0.13
N GLY A 177 0.65 -20.48 -0.44
CA GLY A 177 1.21 -19.85 -1.62
C GLY A 177 0.62 -20.37 -2.92
N LYS A 178 -0.46 -21.12 -2.81
CA LYS A 178 -1.03 -21.78 -3.98
C LYS A 178 -1.80 -20.79 -4.84
N PHE A 179 -1.49 -20.76 -6.13
CA PHE A 179 -2.29 -19.97 -7.08
C PHE A 179 -3.77 -20.33 -7.06
N GLU A 180 -4.63 -19.31 -7.10
CA GLU A 180 -6.07 -19.50 -7.05
C GLU A 180 -6.77 -19.06 -8.33
N LYS A 181 -6.57 -17.80 -8.74
CA LYS A 181 -7.22 -17.30 -9.95
C LYS A 181 -6.64 -15.96 -10.45
N THR A 182 -6.86 -15.69 -11.73
CA THR A 182 -6.47 -14.41 -12.31
C THR A 182 -7.71 -13.57 -12.47
N ILE A 183 -7.56 -12.28 -12.18
CA ILE A 183 -8.58 -11.31 -12.41
C ILE A 183 -8.06 -10.30 -13.41
N SER A 184 -8.75 -10.14 -14.52
CA SER A 184 -8.29 -9.21 -15.54
C SER A 184 -9.38 -8.25 -15.97
N GLY A 185 -8.97 -7.17 -16.64
CA GLY A 185 -9.89 -6.17 -17.12
C GLY A 185 -9.23 -4.85 -17.48
N HIS A 186 -8.17 -4.51 -16.75
CA HIS A 186 -7.51 -3.24 -16.96
C HIS A 186 -6.79 -3.19 -18.30
N LYS A 187 -6.77 -2.00 -18.89
CA LYS A 187 -6.22 -1.80 -20.23
C LYS A 187 -4.72 -1.55 -20.15
N LEU A 188 -4.26 -1.16 -18.96
CA LEU A 188 -2.84 -0.94 -18.72
C LEU A 188 -2.46 -1.54 -17.39
N GLY A 189 -1.21 -1.38 -17.00
CA GLY A 189 -0.68 -1.99 -15.80
C GLY A 189 -1.37 -1.48 -14.56
N ILE A 190 -1.20 -2.22 -13.47
CA ILE A 190 -1.82 -1.89 -12.20
C ILE A 190 -0.75 -1.51 -11.18
N SER A 191 -0.96 -0.40 -10.46
CA SER A 191 0.01 0.05 -9.46
C SER A 191 -0.38 -0.33 -8.04
N ASP A 192 -1.65 -0.69 -7.83
CA ASP A 192 -2.11 -0.92 -6.46
C ASP A 192 -3.39 -1.72 -6.39
N VAL A 193 -3.64 -2.32 -5.24
CA VAL A 193 -4.84 -3.11 -5.12
C VAL A 193 -5.25 -3.15 -3.66
N ALA A 194 -6.55 -3.17 -3.37
CA ALA A 194 -7.01 -3.20 -1.98
C ALA A 194 -8.27 -4.05 -1.77
N TRP A 195 -8.33 -4.69 -0.60
CA TRP A 195 -9.43 -5.53 -0.17
C TRP A 195 -10.48 -4.74 0.62
N SER A 196 -11.76 -5.04 0.42
CA SER A 196 -12.79 -4.59 1.33
C SER A 196 -12.64 -5.35 2.66
N SER A 197 -13.31 -4.89 3.71
CA SER A 197 -13.04 -5.43 5.05
C SER A 197 -13.72 -6.77 5.29
N ASP A 198 -14.57 -7.17 4.34
CA ASP A 198 -15.16 -8.49 4.37
C ASP A 198 -14.55 -9.42 3.31
N SER A 199 -13.38 -9.03 2.79
CA SER A 199 -12.62 -9.87 1.85
C SER A 199 -13.41 -10.30 0.60
N ASN A 200 -14.51 -9.64 0.31
CA ASN A 200 -15.30 -10.04 -0.84
C ASN A 200 -14.99 -9.19 -2.06
N LEU A 201 -14.48 -8.00 -1.82
CA LEU A 201 -14.26 -7.07 -2.90
C LEU A 201 -12.80 -6.69 -2.99
N LEU A 202 -12.38 -6.40 -4.21
CA LEU A 202 -11.07 -5.85 -4.47
C LEU A 202 -11.24 -4.55 -5.22
N VAL A 203 -10.37 -3.57 -4.93
CA VAL A 203 -10.23 -2.41 -5.80
C VAL A 203 -8.80 -2.38 -6.36
N SER A 204 -8.67 -1.90 -7.59
CA SER A 204 -7.39 -1.87 -8.26
C SER A 204 -7.18 -0.52 -8.95
N ALA A 205 -5.95 0.00 -8.85
CA ALA A 205 -5.60 1.30 -9.40
C ALA A 205 -4.70 1.13 -10.62
N SER A 206 -5.11 1.69 -11.74
CA SER A 206 -4.45 1.40 -13.01
C SER A 206 -3.91 2.64 -13.72
N ASP A 207 -2.93 2.45 -14.59
CA ASP A 207 -2.42 3.49 -15.47
C ASP A 207 -3.44 3.85 -16.57
N ASP A 208 -4.52 3.07 -16.71
CA ASP A 208 -5.55 3.44 -17.67
C ASP A 208 -6.51 4.50 -17.10
N LYS A 209 -6.05 5.18 -16.05
CA LYS A 209 -6.77 6.30 -15.41
C LYS A 209 -8.07 5.91 -14.71
N THR A 210 -8.25 4.62 -14.46
CA THR A 210 -9.47 4.16 -13.80
C THR A 210 -9.20 3.24 -12.63
N LEU A 211 -10.18 3.14 -11.76
CA LEU A 211 -10.27 2.08 -10.78
C LEU A 211 -11.39 1.14 -11.17
N LYS A 212 -11.25 -0.12 -10.80
CA LYS A 212 -12.32 -1.08 -11.01
C LYS A 212 -12.57 -1.78 -9.71
N ILE A 213 -13.83 -2.00 -9.39
CA ILE A 213 -14.14 -2.79 -8.22
C ILE A 213 -14.46 -4.19 -8.71
N TRP A 214 -13.98 -5.17 -7.96
CA TRP A 214 -14.08 -6.55 -8.38
C TRP A 214 -14.75 -7.41 -7.33
N ASP A 215 -15.80 -8.14 -7.73
CA ASP A 215 -16.29 -9.23 -6.90
C ASP A 215 -15.30 -10.39 -7.00
N VAL A 216 -14.65 -10.71 -5.89
CA VAL A 216 -13.55 -11.63 -5.92
C VAL A 216 -13.98 -13.06 -6.27
N SER A 217 -15.04 -13.56 -5.65
CA SER A 217 -15.40 -14.97 -5.82
C SER A 217 -15.87 -15.27 -7.26
N SER A 218 -16.66 -14.38 -7.82
CA SER A 218 -17.18 -14.55 -9.18
C SER A 218 -16.20 -14.06 -10.25
N GLY A 219 -15.34 -13.11 -9.88
CA GLY A 219 -14.42 -12.49 -10.83
C GLY A 219 -14.98 -11.30 -11.60
N LYS A 220 -16.27 -11.00 -11.38
CA LYS A 220 -16.93 -9.87 -12.01
C LYS A 220 -16.30 -8.52 -11.68
N CYS A 221 -16.22 -7.67 -12.70
CA CYS A 221 -15.95 -6.27 -12.51
C CYS A 221 -17.26 -5.50 -12.27
N LEU A 222 -17.52 -5.12 -11.02
CA LEU A 222 -18.81 -4.52 -10.62
C LEU A 222 -18.97 -3.05 -10.99
N LYS A 223 -17.87 -2.31 -10.96
CA LYS A 223 -17.92 -0.87 -11.22
C LYS A 223 -16.59 -0.45 -11.81
N THR A 224 -16.63 0.55 -12.67
CA THR A 224 -15.42 1.21 -13.08
C THR A 224 -15.52 2.64 -12.59
N LEU A 225 -14.50 3.10 -11.88
CA LEU A 225 -14.54 4.44 -11.32
C LEU A 225 -13.74 5.37 -12.23
N LYS A 226 -14.44 6.25 -12.94
CA LYS A 226 -13.79 7.15 -13.88
C LYS A 226 -13.87 8.59 -13.40
N GLY A 227 -12.80 9.35 -13.65
CA GLY A 227 -12.72 10.73 -13.18
C GLY A 227 -11.30 11.26 -13.13
N HIS A 228 -10.35 10.42 -12.73
CA HIS A 228 -8.94 10.78 -12.80
C HIS A 228 -8.50 11.04 -14.24
N SER A 229 -7.58 11.99 -14.39
CA SER A 229 -7.12 12.41 -15.70
C SER A 229 -5.65 12.07 -15.88
N ASN A 230 -5.21 11.07 -15.12
CA ASN A 230 -3.86 10.55 -15.21
C ASN A 230 -3.79 9.27 -14.40
N TYR A 231 -2.64 8.58 -14.47
CA TYR A 231 -2.39 7.34 -13.76
C TYR A 231 -2.93 7.31 -12.33
N VAL A 232 -3.79 6.34 -12.04
CA VAL A 232 -4.21 6.14 -10.66
C VAL A 232 -3.15 5.30 -9.98
N PHE A 233 -2.61 5.83 -8.88
CA PHE A 233 -1.40 5.26 -8.29
C PHE A 233 -1.71 4.37 -7.08
N CYS A 234 -2.64 4.81 -6.25
CA CYS A 234 -2.90 4.14 -4.98
C CYS A 234 -4.39 4.08 -4.72
N CYS A 235 -4.83 3.13 -3.91
CA CYS A 235 -6.25 3.04 -3.54
C CYS A 235 -6.45 2.30 -2.22
N ASN A 236 -7.63 2.45 -1.64
CA ASN A 236 -7.95 1.87 -0.35
C ASN A 236 -9.44 1.97 -0.06
N PHE A 237 -9.99 0.90 0.51
CA PHE A 237 -11.31 0.90 1.13
C PHE A 237 -11.20 1.53 2.51
N ASN A 238 -12.28 2.17 2.98
CA ASN A 238 -12.40 2.50 4.39
C ASN A 238 -12.83 1.25 5.15
N PRO A 239 -12.71 1.25 6.49
CA PRO A 239 -13.09 0.06 7.28
C PRO A 239 -14.51 -0.42 6.99
N GLN A 240 -15.45 0.50 6.87
CA GLN A 240 -16.84 0.15 6.60
C GLN A 240 -17.01 -0.35 5.16
N SER A 241 -16.00 -0.08 4.34
CA SER A 241 -15.94 -0.54 2.96
C SER A 241 -17.10 -0.04 2.10
N ASN A 242 -17.71 1.05 2.51
CA ASN A 242 -18.67 1.72 1.64
C ASN A 242 -18.00 2.84 0.85
N LEU A 243 -16.76 3.18 1.23
CA LEU A 243 -15.99 4.16 0.48
C LEU A 243 -14.64 3.63 -0.05
N ILE A 244 -14.18 4.24 -1.14
CA ILE A 244 -12.83 4.05 -1.65
C ILE A 244 -12.12 5.39 -1.80
N VAL A 245 -10.85 5.46 -1.40
CA VAL A 245 -10.04 6.63 -1.66
C VAL A 245 -9.02 6.27 -2.74
N SER A 246 -8.69 7.22 -3.60
CA SER A 246 -7.72 7.01 -4.66
C SER A 246 -6.83 8.23 -4.79
N GLY A 247 -5.58 8.01 -5.19
CA GLY A 247 -4.64 9.10 -5.39
C GLY A 247 -3.99 8.87 -6.73
N SER A 248 -3.64 9.96 -7.40
CA SER A 248 -3.33 9.92 -8.82
C SER A 248 -2.18 10.85 -9.20
N PHE A 249 -1.64 10.64 -10.40
CA PHE A 249 -0.65 11.54 -10.97
C PHE A 249 -1.27 12.86 -11.42
N ASP A 250 -2.59 12.99 -11.34
CA ASP A 250 -3.23 14.29 -11.58
C ASP A 250 -3.21 15.14 -10.29
N GLU A 251 -2.44 14.68 -9.31
CA GLU A 251 -2.13 15.41 -8.08
C GLU A 251 -3.34 15.51 -7.16
N SER A 252 -4.42 14.82 -7.53
CA SER A 252 -5.63 14.87 -6.74
C SER A 252 -5.89 13.59 -5.95
N VAL A 253 -6.82 13.69 -5.01
CA VAL A 253 -7.35 12.57 -4.28
C VAL A 253 -8.88 12.55 -4.45
N ARG A 254 -9.46 11.37 -4.69
CA ARG A 254 -10.91 11.30 -4.88
C ARG A 254 -11.53 10.27 -3.96
N ILE A 255 -12.75 10.56 -3.51
CA ILE A 255 -13.49 9.63 -2.66
C ILE A 255 -14.69 9.08 -3.42
N TRP A 256 -14.77 7.77 -3.49
CA TRP A 256 -15.77 7.14 -4.35
C TRP A 256 -16.80 6.42 -3.53
N ASP A 257 -18.02 6.39 -4.04
CA ASP A 257 -19.04 5.56 -3.43
C ASP A 257 -18.93 4.15 -4.01
N VAL A 258 -18.75 3.16 -3.14
CA VAL A 258 -18.55 1.78 -3.59
C VAL A 258 -19.76 1.27 -4.39
N LYS A 259 -20.94 1.40 -3.79
CA LYS A 259 -22.16 0.84 -4.34
C LYS A 259 -22.57 1.46 -5.68
N THR A 260 -22.38 2.75 -5.84
CA THR A 260 -22.80 3.40 -7.08
C THR A 260 -21.65 3.66 -8.04
N GLY A 261 -20.42 3.62 -7.55
CA GLY A 261 -19.27 3.90 -8.40
C GLY A 261 -19.11 5.38 -8.71
N LYS A 262 -19.83 6.22 -7.98
CA LYS A 262 -19.72 7.65 -8.23
C LYS A 262 -18.71 8.32 -7.32
N CYS A 263 -18.01 9.29 -7.87
CA CYS A 263 -17.05 10.10 -7.13
C CYS A 263 -17.76 11.10 -6.21
N LEU A 264 -17.69 10.87 -4.89
CA LEU A 264 -18.28 11.80 -3.92
C LEU A 264 -17.50 13.09 -3.79
N LYS A 265 -16.18 13.01 -3.72
CA LYS A 265 -15.39 14.21 -3.51
C LYS A 265 -14.11 14.23 -4.33
N THR A 266 -13.66 15.43 -4.66
CA THR A 266 -12.34 15.62 -5.24
C THR A 266 -11.56 16.67 -4.48
N LEU A 267 -10.48 16.24 -3.82
CA LEU A 267 -9.68 17.18 -3.05
C LEU A 267 -8.47 17.65 -3.86
N PRO A 268 -8.22 18.97 -3.86
CA PRO A 268 -7.03 19.63 -4.42
C PRO A 268 -5.79 19.39 -3.56
N ALA A 269 -5.43 18.11 -3.42
CA ALA A 269 -4.59 17.65 -2.33
C ALA A 269 -3.11 18.04 -2.39
N HIS A 270 -2.56 18.11 -3.61
CA HIS A 270 -1.13 18.23 -3.76
C HIS A 270 -0.79 18.88 -5.07
N SER A 271 0.47 19.30 -5.19
CA SER A 271 0.95 20.03 -6.35
C SER A 271 1.88 19.13 -7.17
N ASP A 272 1.83 17.84 -6.85
CA ASP A 272 2.62 16.82 -7.54
C ASP A 272 1.92 15.47 -7.36
N PRO A 273 2.36 14.43 -8.09
CA PRO A 273 1.65 13.13 -8.01
C PRO A 273 1.41 12.62 -6.58
N VAL A 274 0.23 12.07 -6.36
CA VAL A 274 -0.12 11.47 -5.08
C VAL A 274 0.39 10.03 -4.97
N SER A 275 1.27 9.77 -4.00
CA SER A 275 1.94 8.49 -3.91
C SER A 275 1.18 7.48 -3.08
N ALA A 276 0.40 7.94 -2.09
CA ALA A 276 -0.31 7.01 -1.22
C ALA A 276 -1.50 7.68 -0.55
N VAL A 277 -2.53 6.89 -0.28
CA VAL A 277 -3.69 7.39 0.43
C VAL A 277 -4.11 6.26 1.35
N HIS A 278 -4.67 6.58 2.51
CA HIS A 278 -5.03 5.57 3.50
C HIS A 278 -6.04 6.10 4.50
N PHE A 279 -7.03 5.28 4.83
CA PHE A 279 -7.97 5.60 5.90
C PHE A 279 -7.39 5.21 7.26
N ASN A 280 -7.82 5.91 8.30
CA ASN A 280 -7.52 5.50 9.67
C ASN A 280 -8.53 4.43 10.16
N ARG A 281 -8.36 3.99 11.40
CA ARG A 281 -9.12 2.84 11.92
C ARG A 281 -10.63 3.02 11.83
N ASP A 282 -11.12 4.24 11.97
CA ASP A 282 -12.57 4.37 11.97
C ASP A 282 -13.07 5.03 10.70
N GLY A 283 -12.14 5.35 9.80
CA GLY A 283 -12.50 5.88 8.50
C GLY A 283 -12.78 7.37 8.51
N SER A 284 -12.63 8.01 9.66
CA SER A 284 -12.92 9.44 9.78
C SER A 284 -11.87 10.27 9.08
N LEU A 285 -10.65 9.73 9.01
CA LEU A 285 -9.51 10.45 8.44
C LEU A 285 -8.89 9.76 7.23
N ILE A 286 -8.38 10.59 6.33
CA ILE A 286 -7.57 10.10 5.23
C ILE A 286 -6.19 10.72 5.30
N VAL A 287 -5.13 9.94 5.10
CA VAL A 287 -3.81 10.54 4.97
C VAL A 287 -3.26 10.32 3.56
N SER A 288 -2.62 11.34 3.01
CA SER A 288 -2.12 11.30 1.64
C SER A 288 -0.70 11.81 1.61
N SER A 289 0.10 11.30 0.68
CA SER A 289 1.48 11.72 0.54
C SER A 289 1.79 11.97 -0.91
N SER A 290 2.90 12.63 -1.19
CA SER A 290 3.12 13.13 -2.52
C SER A 290 4.57 13.48 -2.75
N TYR A 291 5.00 13.38 -4.00
CA TYR A 291 6.32 13.82 -4.41
C TYR A 291 6.59 15.29 -4.05
N ASP A 292 5.54 16.07 -3.79
CA ASP A 292 5.73 17.45 -3.36
C ASP A 292 6.36 17.57 -1.95
N GLY A 293 6.49 16.44 -1.27
CA GLY A 293 7.14 16.40 0.03
C GLY A 293 6.22 16.46 1.24
N LEU A 294 4.91 16.44 1.02
CA LEU A 294 3.96 16.67 2.12
C LEU A 294 3.12 15.44 2.46
N CYS A 295 2.70 15.36 3.73
CA CYS A 295 1.59 14.51 4.11
C CYS A 295 0.46 15.39 4.56
N ARG A 296 -0.75 15.17 4.05
CA ARG A 296 -1.91 15.88 4.55
C ARG A 296 -2.89 14.90 5.13
N ILE A 297 -3.69 15.37 6.06
CA ILE A 297 -4.66 14.55 6.72
C ILE A 297 -5.99 15.16 6.37
N TRP A 298 -6.94 14.35 5.94
CA TRP A 298 -8.19 14.92 5.50
C TRP A 298 -9.36 14.36 6.26
N ASP A 299 -10.37 15.21 6.43
CA ASP A 299 -11.62 14.79 7.02
C ASP A 299 -12.46 14.12 5.94
N THR A 300 -12.72 12.83 6.14
CA THR A 300 -13.47 12.03 5.18
C THR A 300 -14.83 12.63 4.84
N ALA A 301 -15.57 13.06 5.86
CA ALA A 301 -16.94 13.55 5.64
C ALA A 301 -17.02 14.89 4.89
N SER A 302 -16.15 15.83 5.24
CA SER A 302 -16.25 17.21 4.71
C SER A 302 -15.18 17.58 3.69
N GLY A 303 -14.08 16.83 3.66
CA GLY A 303 -13.05 17.03 2.66
C GLY A 303 -12.05 18.14 3.00
N GLN A 304 -12.09 18.66 4.21
CA GLN A 304 -11.14 19.71 4.51
C GLN A 304 -9.85 19.14 5.10
N CYS A 305 -8.74 19.75 4.69
CA CYS A 305 -7.42 19.42 5.21
C CYS A 305 -7.35 19.75 6.68
N LEU A 306 -7.01 18.78 7.51
CA LEU A 306 -6.92 19.00 8.94
C LEU A 306 -5.49 19.23 9.39
N LYS A 307 -4.55 18.91 8.52
CA LYS A 307 -3.15 18.98 8.93
C LYS A 307 -2.20 18.78 7.76
N THR A 308 -1.10 19.51 7.79
CA THR A 308 -0.03 19.27 6.86
C THR A 308 1.25 18.94 7.62
N LEU A 309 1.69 17.70 7.52
CA LEU A 309 2.91 17.30 8.21
C LEU A 309 4.11 17.69 7.37
N ILE A 310 5.02 18.42 8.01
CA ILE A 310 6.22 18.90 7.38
C ILE A 310 7.34 18.98 8.42
N ASP A 311 8.51 18.47 8.05
CA ASP A 311 9.63 18.32 8.98
C ASP A 311 10.67 19.44 8.72
N ASP A 312 11.96 19.09 8.74
CA ASP A 312 13.03 20.07 8.56
C ASP A 312 13.39 20.28 7.08
N ASP A 313 13.04 19.31 6.25
CA ASP A 313 13.05 19.52 4.80
C ASP A 313 12.08 18.52 4.20
N ASN A 314 11.61 18.80 3.00
CA ASN A 314 10.59 17.95 2.39
C ASN A 314 11.07 17.11 1.20
N PRO A 315 11.87 16.06 1.44
CA PRO A 315 12.09 15.16 0.30
C PRO A 315 10.75 14.54 -0.09
N PRO A 316 10.61 14.09 -1.34
CA PRO A 316 9.34 13.52 -1.77
C PRO A 316 8.84 12.43 -0.81
N VAL A 317 7.55 12.40 -0.50
CA VAL A 317 7.07 11.33 0.33
C VAL A 317 6.58 10.23 -0.61
N SER A 318 7.10 9.02 -0.44
CA SER A 318 6.85 7.95 -1.39
C SER A 318 5.78 7.04 -0.84
N PHE A 319 5.56 7.12 0.47
CA PHE A 319 4.58 6.26 1.09
C PHE A 319 4.09 6.79 2.44
N VAL A 320 2.85 6.48 2.78
CA VAL A 320 2.31 6.92 4.05
C VAL A 320 1.14 6.02 4.48
N LYS A 321 0.99 5.78 5.77
CA LYS A 321 -0.18 5.07 6.28
C LYS A 321 -0.33 5.27 7.79
N PHE A 322 -1.56 5.14 8.28
CA PHE A 322 -1.79 5.09 9.72
C PHE A 322 -1.33 3.78 10.33
N SER A 323 -1.00 3.83 11.61
CA SER A 323 -0.74 2.63 12.38
C SER A 323 -2.11 2.06 12.67
N PRO A 324 -2.19 0.74 12.95
CA PRO A 324 -3.51 0.12 13.13
C PRO A 324 -4.36 0.82 14.20
N ASN A 325 -3.78 1.14 15.35
CA ASN A 325 -4.52 1.84 16.39
C ASN A 325 -4.72 3.29 16.01
N GLY A 326 -4.18 3.69 14.87
CA GLY A 326 -4.44 5.02 14.37
C GLY A 326 -3.85 6.17 15.15
N LYS A 327 -2.91 5.86 16.04
CA LYS A 327 -2.24 6.92 16.77
C LYS A 327 -1.14 7.59 15.94
N TYR A 328 -0.45 6.79 15.13
CA TYR A 328 0.70 7.29 14.38
C TYR A 328 0.51 7.19 12.90
N ILE A 329 1.36 7.88 12.17
CA ILE A 329 1.52 7.57 10.76
C ILE A 329 2.99 7.32 10.44
N LEU A 330 3.18 6.37 9.54
CA LEU A 330 4.47 6.00 9.01
C LEU A 330 4.61 6.62 7.64
N ALA A 331 5.75 7.26 7.40
CA ALA A 331 5.96 7.90 6.11
C ALA A 331 7.31 7.53 5.57
N ALA A 332 7.35 7.24 4.29
CA ALA A 332 8.57 6.88 3.61
C ALA A 332 9.01 8.03 2.72
N THR A 333 10.30 8.33 2.72
CA THR A 333 10.78 9.39 1.84
C THR A 333 11.99 8.97 1.02
N LEU A 334 12.06 9.51 -0.18
CA LEU A 334 13.13 9.18 -1.11
C LEU A 334 14.49 9.72 -0.66
N ASP A 335 14.71 9.76 0.64
CA ASP A 335 16.05 10.00 1.17
C ASP A 335 16.42 8.85 2.10
N ASN A 336 16.08 7.64 1.67
CA ASN A 336 16.37 6.42 2.43
C ASN A 336 15.93 6.50 3.89
N THR A 337 14.74 7.06 4.12
CA THR A 337 14.30 7.27 5.48
C THR A 337 12.83 6.94 5.70
N LEU A 338 12.58 6.10 6.69
CA LEU A 338 11.26 5.91 7.24
C LEU A 338 11.08 6.78 8.49
N LYS A 339 9.90 7.38 8.65
CA LYS A 339 9.63 8.24 9.80
C LYS A 339 8.31 7.91 10.48
N LEU A 340 8.35 7.83 11.81
CA LEU A 340 7.13 7.58 12.55
C LEU A 340 6.66 8.90 13.14
N TRP A 341 5.49 9.35 12.69
CA TRP A 341 4.92 10.63 13.11
C TRP A 341 3.85 10.43 14.14
N ASP A 342 3.83 11.30 15.14
CA ASP A 342 2.64 11.41 15.98
C ASP A 342 1.81 12.49 15.37
N TYR A 343 0.75 12.15 14.65
CA TYR A 343 0.14 13.16 13.81
C TYR A 343 -0.75 14.14 14.57
N SER A 344 -1.21 13.79 15.77
CA SER A 344 -1.99 14.76 16.56
C SER A 344 -1.07 15.87 17.07
N LYS A 345 0.01 15.49 17.76
CA LYS A 345 1.02 16.46 18.17
C LYS A 345 1.73 17.07 16.95
N GLY A 346 1.70 16.37 15.83
CA GLY A 346 2.37 16.82 14.62
C GLY A 346 3.89 16.77 14.67
N LYS A 347 4.44 15.93 15.55
CA LYS A 347 5.89 15.80 15.66
C LYS A 347 6.41 14.44 15.21
N CYS A 348 7.50 14.45 14.45
CA CYS A 348 8.15 13.22 14.04
C CYS A 348 8.85 12.54 15.24
N LEU A 349 8.48 11.29 15.52
CA LEU A 349 8.93 10.59 16.72
C LEU A 349 10.10 9.62 16.50
N LYS A 350 10.00 8.76 15.50
CA LYS A 350 11.10 7.84 15.24
C LYS A 350 11.55 7.94 13.80
N THR A 351 12.77 7.45 13.57
CA THR A 351 13.34 7.41 12.25
C THR A 351 14.00 6.05 12.06
N TYR A 352 13.94 5.53 10.84
CA TYR A 352 14.39 4.17 10.55
C TYR A 352 15.16 4.18 9.27
N THR A 353 16.45 3.85 9.34
CA THR A 353 17.30 3.91 8.15
C THR A 353 18.14 2.66 8.01
N GLY A 354 19.00 2.65 6.99
CA GLY A 354 19.79 1.49 6.69
C GLY A 354 19.38 0.91 5.35
N HIS A 355 18.13 1.16 4.95
CA HIS A 355 17.65 0.65 3.67
C HIS A 355 17.97 1.65 2.58
N LYS A 356 17.65 1.28 1.34
CA LYS A 356 17.92 2.12 0.20
C LYS A 356 16.62 2.43 -0.53
N ASN A 357 16.24 3.70 -0.54
CA ASN A 357 15.00 4.12 -1.18
C ASN A 357 15.14 5.52 -1.71
N GLU A 358 15.54 5.64 -2.96
CA GLU A 358 15.72 6.95 -3.55
C GLU A 358 14.88 7.16 -4.81
N LYS A 359 14.10 6.17 -5.20
CA LYS A 359 13.45 6.25 -6.50
C LYS A 359 12.03 5.70 -6.55
N TYR A 360 11.74 4.64 -5.80
CA TYR A 360 10.45 3.99 -5.96
C TYR A 360 9.54 4.26 -4.78
N CYS A 361 8.24 4.16 -5.03
CA CYS A 361 7.29 4.25 -3.92
C CYS A 361 7.11 2.85 -3.34
N ILE A 362 7.92 2.56 -2.33
CA ILE A 362 7.96 1.28 -1.65
C ILE A 362 6.99 1.23 -0.47
N PHE A 363 6.05 0.28 -0.52
CA PHE A 363 5.14 0.07 0.60
C PHE A 363 5.92 -0.29 1.88
N ALA A 364 5.50 0.27 3.01
CA ALA A 364 6.05 -0.15 4.30
C ALA A 364 4.91 -0.51 5.26
N ASN A 365 5.19 -1.23 6.33
CA ASN A 365 4.13 -1.71 7.21
C ASN A 365 4.47 -1.72 8.68
N PHE A 366 3.41 -1.76 9.48
CA PHE A 366 3.49 -2.14 10.87
C PHE A 366 3.23 -3.65 10.97
N SER A 367 4.17 -4.40 11.50
CA SER A 367 3.87 -5.77 11.88
C SER A 367 3.52 -5.80 13.35
N VAL A 368 2.33 -6.31 13.66
CA VAL A 368 1.83 -6.23 15.02
C VAL A 368 1.28 -7.55 15.58
N THR A 369 1.52 -8.66 14.90
CA THR A 369 0.99 -9.95 15.36
C THR A 369 1.97 -10.65 16.31
N GLY A 370 3.26 -10.45 16.09
CA GLY A 370 4.26 -10.95 17.01
C GLY A 370 4.82 -9.77 17.78
N GLY A 371 6.11 -9.51 17.61
CA GLY A 371 6.67 -8.27 18.11
C GLY A 371 6.18 -7.09 17.30
N LYS A 372 6.58 -5.90 17.70
CA LYS A 372 6.19 -4.69 16.99
C LYS A 372 7.30 -4.28 16.04
N TRP A 373 7.12 -4.49 14.74
CA TRP A 373 8.16 -4.12 13.79
C TRP A 373 7.70 -3.10 12.78
N ILE A 374 8.68 -2.45 12.16
CA ILE A 374 8.44 -1.78 10.91
C ILE A 374 8.99 -2.68 9.83
N VAL A 375 8.20 -2.90 8.80
CA VAL A 375 8.60 -3.73 7.66
C VAL A 375 8.57 -2.93 6.37
N SER A 376 9.68 -2.91 5.65
CA SER A 376 9.72 -2.18 4.39
C SER A 376 10.54 -2.93 3.34
N GLY A 377 10.20 -2.71 2.08
CA GLY A 377 11.02 -3.20 1.00
C GLY A 377 12.15 -2.21 0.78
N SER A 378 12.99 -2.50 -0.19
CA SER A 378 14.17 -1.70 -0.37
C SER A 378 14.71 -1.90 -1.75
N GLU A 379 15.45 -0.91 -2.23
CA GLU A 379 15.93 -0.89 -3.59
C GLU A 379 17.26 -1.65 -3.69
N ASP A 380 17.68 -2.24 -2.58
CA ASP A 380 18.83 -3.15 -2.63
C ASP A 380 18.41 -4.64 -2.60
N ASN A 381 17.14 -4.89 -2.94
CA ASN A 381 16.58 -6.24 -3.06
C ASN A 381 16.36 -6.99 -1.74
N LEU A 382 16.39 -6.26 -0.62
CA LEU A 382 16.21 -6.86 0.68
C LEU A 382 14.91 -6.44 1.30
N VAL A 383 14.38 -7.27 2.19
CA VAL A 383 13.27 -6.87 3.04
C VAL A 383 13.83 -6.49 4.40
N TYR A 384 13.49 -5.29 4.85
CA TYR A 384 14.04 -4.76 6.09
C TYR A 384 13.04 -4.80 7.21
N ILE A 385 13.50 -5.23 8.38
CA ILE A 385 12.66 -5.29 9.56
C ILE A 385 13.34 -4.56 10.71
N TRP A 386 12.66 -3.57 11.29
CA TRP A 386 13.20 -2.79 12.39
C TRP A 386 12.41 -3.01 13.66
N ASN A 387 13.10 -3.00 14.79
CA ASN A 387 12.37 -2.89 16.05
C ASN A 387 11.70 -1.52 16.12
N LEU A 388 10.40 -1.48 16.35
CA LEU A 388 9.68 -0.21 16.25
C LEU A 388 10.23 0.84 17.21
N GLN A 389 10.43 0.48 18.48
CA GLN A 389 10.76 1.52 19.43
C GLN A 389 12.26 1.74 19.61
N THR A 390 13.09 0.74 19.42
CA THR A 390 14.54 0.97 19.49
C THR A 390 15.17 1.36 18.12
N LYS A 391 14.42 1.15 17.03
CA LYS A 391 14.79 1.55 15.65
C LYS A 391 15.92 0.72 15.01
N GLU A 392 16.33 -0.36 15.67
CA GLU A 392 17.40 -1.19 15.13
C GLU A 392 16.91 -2.18 14.07
N ILE A 393 17.64 -2.27 12.98
CA ILE A 393 17.45 -3.35 12.02
C ILE A 393 17.60 -4.67 12.76
N VAL A 394 16.56 -5.48 12.78
CA VAL A 394 16.64 -6.73 13.48
C VAL A 394 16.66 -7.89 12.51
N GLN A 395 16.31 -7.64 11.25
CA GLN A 395 16.36 -8.69 10.24
C GLN A 395 16.37 -8.13 8.83
N LYS A 396 17.29 -8.65 8.02
CA LYS A 396 17.29 -8.38 6.60
C LYS A 396 16.97 -9.66 5.84
N LEU A 397 16.04 -9.59 4.90
CA LEU A 397 15.61 -10.80 4.22
C LEU A 397 16.20 -10.86 2.83
N GLN A 398 16.80 -12.00 2.51
CA GLN A 398 17.50 -12.20 1.25
C GLN A 398 16.73 -13.12 0.32
N GLY A 399 16.81 -12.88 -0.98
CA GLY A 399 16.14 -13.77 -1.89
C GLY A 399 15.73 -13.13 -3.19
N HIS A 400 15.16 -11.94 -3.10
CA HIS A 400 14.76 -11.24 -4.31
C HIS A 400 15.94 -10.80 -5.17
N THR A 401 15.69 -10.65 -6.46
CA THR A 401 16.75 -10.35 -7.40
C THR A 401 16.59 -8.97 -8.02
N ASP A 402 15.60 -8.25 -7.52
CA ASP A 402 15.30 -6.89 -7.96
C ASP A 402 14.68 -6.13 -6.80
N VAL A 403 14.38 -4.86 -7.01
CA VAL A 403 13.82 -4.00 -5.97
C VAL A 403 12.58 -4.60 -5.32
N VAL A 404 12.56 -4.65 -4.00
CA VAL A 404 11.34 -5.04 -3.32
C VAL A 404 10.46 -3.79 -3.19
N ILE A 405 9.55 -3.67 -4.15
CA ILE A 405 8.60 -2.58 -4.22
C ILE A 405 7.54 -2.68 -3.12
N SER A 406 7.23 -3.88 -2.68
CA SER A 406 6.07 -4.06 -1.81
C SER A 406 6.20 -5.19 -0.79
N THR A 407 5.66 -4.94 0.39
CA THR A 407 5.63 -5.90 1.47
C THR A 407 4.26 -5.81 2.11
N ALA A 408 3.83 -6.89 2.74
CA ALA A 408 2.54 -6.89 3.42
C ALA A 408 2.60 -7.77 4.65
N CYS A 409 1.86 -7.39 5.68
CA CYS A 409 1.82 -8.19 6.90
C CYS A 409 0.47 -8.80 7.08
N HIS A 410 0.48 -10.10 7.39
CA HIS A 410 -0.72 -10.89 7.59
C HIS A 410 -1.50 -10.36 8.80
N PRO A 411 -2.83 -10.32 8.70
CA PRO A 411 -3.60 -9.78 9.84
C PRO A 411 -3.47 -10.59 11.13
N THR A 412 -3.21 -11.90 11.09
CA THR A 412 -3.20 -12.68 12.34
C THR A 412 -1.99 -13.62 12.54
N GLU A 413 -1.19 -13.84 11.50
CA GLU A 413 -0.04 -14.74 11.60
C GLU A 413 1.25 -13.95 11.41
N ASN A 414 2.38 -14.53 11.80
CA ASN A 414 3.66 -13.87 11.58
C ASN A 414 4.17 -14.13 10.18
N ILE A 415 3.43 -13.63 9.19
CA ILE A 415 3.76 -13.86 7.80
C ILE A 415 3.93 -12.54 7.06
N ILE A 416 4.95 -12.48 6.22
CA ILE A 416 5.17 -11.35 5.35
C ILE A 416 5.07 -11.77 3.89
N ALA A 417 4.47 -10.94 3.05
CA ALA A 417 4.58 -11.14 1.62
C ALA A 417 5.42 -10.00 1.08
N SER A 418 6.28 -10.29 0.12
CA SER A 418 7.09 -9.25 -0.50
C SER A 418 7.07 -9.45 -2.01
N ALA A 419 7.23 -8.38 -2.77
CA ALA A 419 7.16 -8.51 -4.22
C ALA A 419 8.15 -7.60 -4.92
N ALA A 420 8.65 -8.04 -6.07
CA ALA A 420 9.72 -7.29 -6.71
C ALA A 420 9.43 -6.90 -8.17
N LEU A 421 10.30 -6.05 -8.70
CA LEU A 421 10.11 -5.43 -10.00
C LEU A 421 10.52 -6.35 -11.14
N GLU A 422 10.64 -5.75 -12.32
CA GLU A 422 10.63 -6.46 -13.59
C GLU A 422 11.63 -7.61 -13.70
N ASN A 423 12.83 -7.44 -13.13
CA ASN A 423 13.85 -8.46 -13.26
C ASN A 423 13.69 -9.66 -12.34
N ASP A 424 12.71 -9.59 -11.45
CA ASP A 424 12.49 -10.65 -10.49
C ASP A 424 11.15 -11.31 -10.74
N LYS A 425 10.09 -10.50 -10.76
CA LYS A 425 8.71 -10.90 -11.05
C LYS A 425 8.10 -11.90 -10.06
N THR A 426 8.71 -12.09 -8.90
CA THR A 426 8.16 -13.05 -7.96
C THR A 426 7.62 -12.43 -6.67
N ILE A 427 6.77 -13.19 -5.99
CA ILE A 427 6.28 -12.87 -4.66
C ILE A 427 6.83 -13.89 -3.66
N LYS A 428 7.35 -13.43 -2.52
CA LYS A 428 7.85 -14.37 -1.54
C LYS A 428 7.06 -14.28 -0.26
N LEU A 429 6.87 -15.43 0.37
CA LEU A 429 6.16 -15.53 1.63
C LEU A 429 7.12 -15.99 2.70
N TRP A 430 7.22 -15.18 3.75
CA TRP A 430 8.16 -15.43 4.83
C TRP A 430 7.38 -15.62 6.08
N LYS A 431 7.75 -16.63 6.86
CA LYS A 431 7.06 -16.88 8.11
C LYS A 431 8.05 -16.79 9.26
N SER A 432 7.58 -16.38 10.43
CA SER A 432 8.46 -16.22 11.59
C SER A 432 8.04 -17.11 12.75
#